data_6TIK
#
_entry.id   6TIK
#
_cell.length_a   1.00
_cell.length_b   1.00
_cell.length_c   1.00
_cell.angle_alpha   90.00
_cell.angle_beta   90.00
_cell.angle_gamma   90.00
#
_symmetry.space_group_name_H-M   'P 1'
#
_entity_poly.entity_id   1
_entity_poly.type   'polypeptide(L)'
_entity_poly.pdbx_seq_one_letter_code
;MDIDPYKEFGATVELLSFLPSDFFPSVRDLLDTASALYREALESPEHCSPHHTALRQAILCWGELMTLATWVGNNLEDGG
GGSGGGGSATSDDDVKKAATVAIVAAYNNGQEINGFKAGETIYDIGEDGTITQKDATAADVEADDFKGLGLKKVVTNLTK
TVNENKQNVDAKVKAAESEIEKLTTKLADTDAALADTDAALDETTNALNKLGENITTFAEETKTNIVKIDEKLEAVADTV
DKHAEAFNDIADSLDETNTKADEAVKTANEAKQTAEETKQNVDAKVKAAETAAGKAEAAAGTANTAADKAEAVAAKVTDI
KADIATNKADIAKNSARIDSLDKNVANLRKETRQGLAEQAALSGLFQPYNVGEFGGGGSGGGGSRDLVVNYVNTNMGLKI
RQLLWFHISCLTFGRETVLEYLVSFGVWIRTPPAYRPPNAPILSTLPETTVVGSGGGTHTSFDKLPEGGRATYRGTAFGS
DDAGGKLTYTIDFAAKQGNGKIEHLKSPELNVDLAAADIKPDGKRHAVISGSVLYNQAEKGSYSLGIFGGKAQEVAGSAE
VKTVNGIRHIGLAAKQKLGGGWSHPQFEK
;
_entity_poly.pdbx_strand_id   C,D,B,A
#
# COMPACT_ATOMS: atom_id res chain seq x y z
N MET A 1 14.61 -7.58 -5.04
CA MET A 1 13.57 -8.59 -5.04
C MET A 1 12.56 -8.33 -3.93
N ASP A 2 11.50 -7.60 -4.26
CA ASP A 2 10.42 -7.33 -3.33
C ASP A 2 9.17 -8.02 -3.83
N ILE A 3 8.68 -9.00 -3.07
CA ILE A 3 7.60 -9.86 -3.50
C ILE A 3 6.43 -9.67 -2.55
N ASP A 4 5.29 -9.28 -3.10
CA ASP A 4 4.06 -9.19 -2.34
C ASP A 4 3.31 -10.48 -2.61
N PRO A 5 3.10 -11.35 -1.61
CA PRO A 5 2.52 -12.67 -1.87
C PRO A 5 1.05 -12.65 -2.23
N TYR A 6 0.41 -11.51 -2.06
CA TYR A 6 -1.01 -11.38 -2.38
C TYR A 6 -1.25 -10.70 -3.70
N LYS A 7 -0.19 -10.24 -4.38
CA LYS A 7 -0.32 -9.39 -5.54
C LYS A 7 -0.94 -10.13 -6.72
N GLU A 8 -0.59 -11.41 -6.87
CA GLU A 8 -1.21 -12.21 -7.92
C GLU A 8 -2.63 -12.61 -7.58
N PHE A 9 -3.01 -12.48 -6.32
CA PHE A 9 -4.35 -12.82 -5.85
C PHE A 9 -5.22 -11.57 -5.71
N GLY A 10 -4.76 -10.46 -6.25
CA GLY A 10 -5.55 -9.25 -6.28
C GLY A 10 -5.66 -8.55 -4.93
N ALA A 11 -4.68 -8.76 -4.07
CA ALA A 11 -4.64 -8.07 -2.80
C ALA A 11 -3.23 -7.55 -2.58
N THR A 12 -3.03 -6.89 -1.45
CA THR A 12 -1.70 -6.46 -1.07
C THR A 12 -1.43 -6.92 0.35
N VAL A 13 -0.20 -6.70 0.79
CA VAL A 13 0.10 -6.87 2.21
C VAL A 13 -0.48 -5.71 3.00
N GLU A 14 -0.69 -4.57 2.34
CA GLU A 14 -1.27 -3.42 3.04
C GLU A 14 -2.76 -3.61 3.26
N LEU A 15 -3.44 -4.23 2.30
CA LEU A 15 -4.89 -4.37 2.39
C LEU A 15 -5.29 -5.37 3.45
N LEU A 16 -4.38 -6.28 3.82
CA LEU A 16 -4.65 -7.19 4.90
C LEU A 16 -4.18 -6.65 6.24
N SER A 17 -3.34 -5.62 6.22
CA SER A 17 -3.03 -4.91 7.46
C SER A 17 -4.16 -3.94 7.81
N PHE A 18 -5.04 -3.69 6.84
CA PHE A 18 -6.17 -2.78 6.98
C PHE A 18 -7.20 -3.32 7.94
N LEU A 19 -7.24 -4.62 8.12
CA LEU A 19 -8.09 -5.19 9.16
C LEU A 19 -7.43 -5.01 10.52
N PRO A 20 -8.15 -5.13 11.64
CA PRO A 20 -7.46 -5.21 12.92
C PRO A 20 -6.70 -6.52 13.04
N SER A 21 -5.66 -6.51 13.88
CA SER A 21 -4.78 -7.67 13.95
C SER A 21 -5.40 -8.79 14.75
N ASP A 22 -6.18 -8.44 15.77
CA ASP A 22 -6.80 -9.47 16.60
C ASP A 22 -8.01 -10.12 15.93
N PHE A 23 -8.44 -9.60 14.80
CA PHE A 23 -9.51 -10.19 13.99
C PHE A 23 -9.20 -11.60 13.55
N PHE A 24 -7.98 -11.87 13.22
CA PHE A 24 -7.52 -13.12 12.66
C PHE A 24 -7.53 -14.22 13.72
N PRO A 25 -8.25 -15.30 13.48
CA PRO A 25 -8.25 -16.43 14.42
C PRO A 25 -6.89 -17.09 14.48
N SER A 26 -6.67 -17.83 15.56
CA SER A 26 -5.33 -18.32 15.89
C SER A 26 -4.81 -19.31 14.84
N VAL A 27 -3.49 -19.45 14.82
CA VAL A 27 -2.81 -20.24 13.78
C VAL A 27 -3.20 -21.70 13.89
N ARG A 28 -3.43 -22.16 15.12
CA ARG A 28 -3.91 -23.51 15.39
C ARG A 28 -5.29 -23.72 14.76
N ASP A 29 -6.14 -22.71 14.81
CA ASP A 29 -7.48 -22.81 14.23
C ASP A 29 -7.40 -22.87 12.71
N LEU A 30 -6.46 -22.14 12.11
CA LEU A 30 -6.32 -22.17 10.66
C LEU A 30 -5.76 -23.50 10.18
N LEU A 31 -4.81 -24.05 10.95
CA LEU A 31 -4.23 -25.34 10.57
C LEU A 31 -5.25 -26.46 10.70
N ASP A 32 -6.16 -26.34 11.66
CA ASP A 32 -7.20 -27.35 11.80
C ASP A 32 -8.27 -27.17 10.75
N THR A 33 -8.49 -25.93 10.29
CA THR A 33 -9.54 -25.67 9.32
C THR A 33 -9.17 -26.22 7.95
N ALA A 34 -7.92 -26.03 7.53
CA ALA A 34 -7.46 -26.60 6.27
C ALA A 34 -7.37 -28.12 6.37
N SER A 35 -7.03 -28.62 7.57
CA SER A 35 -6.99 -30.06 7.76
C SER A 35 -8.39 -30.65 7.88
N ALA A 36 -9.39 -29.80 8.15
CA ALA A 36 -10.74 -30.29 8.28
C ALA A 36 -11.32 -30.65 6.92
N LEU A 37 -11.15 -29.77 5.95
CA LEU A 37 -11.99 -29.84 4.75
C LEU A 37 -11.20 -29.56 3.49
N TYR A 38 -9.89 -29.37 3.60
CA TYR A 38 -9.10 -29.23 2.39
C TYR A 38 -7.96 -30.23 2.38
N ARG A 39 -7.89 -31.06 3.40
CA ARG A 39 -6.77 -31.96 3.65
C ARG A 39 -6.57 -32.94 2.51
N GLU A 40 -7.66 -33.37 1.89
CA GLU A 40 -7.56 -34.24 0.72
C GLU A 40 -7.06 -33.47 -0.48
N ALA A 41 -7.41 -32.18 -0.57
CA ALA A 41 -6.97 -31.38 -1.71
C ALA A 41 -5.50 -31.01 -1.57
N LEU A 42 -5.05 -30.81 -0.33
CA LEU A 42 -3.65 -30.42 -0.12
C LEU A 42 -2.73 -31.60 -0.35
N GLU A 43 -3.19 -32.80 0.00
CA GLU A 43 -2.38 -33.99 -0.23
C GLU A 43 -2.49 -34.47 -1.66
N SER A 44 -3.45 -33.93 -2.41
CA SER A 44 -3.65 -34.30 -3.80
C SER A 44 -2.49 -33.83 -4.67
N PRO A 45 -2.08 -34.61 -5.66
CA PRO A 45 -1.07 -34.16 -6.61
C PRO A 45 -1.61 -33.32 -7.76
N GLU A 46 -2.85 -32.86 -7.67
CA GLU A 46 -3.42 -31.98 -8.67
C GLU A 46 -3.96 -30.74 -7.98
N HIS A 47 -3.34 -29.60 -8.26
CA HIS A 47 -3.88 -28.35 -7.78
C HIS A 47 -5.13 -28.00 -8.58
N CYS A 48 -6.18 -27.58 -7.88
CA CYS A 48 -7.35 -27.06 -8.54
C CYS A 48 -7.33 -25.54 -8.60
N SER A 49 -6.29 -24.92 -8.06
CA SER A 49 -6.19 -23.48 -7.95
C SER A 49 -4.75 -23.13 -7.65
N PRO A 50 -4.31 -21.90 -7.92
CA PRO A 50 -3.03 -21.46 -7.36
C PRO A 50 -3.12 -21.22 -5.86
N HIS A 51 -4.33 -21.13 -5.31
CA HIS A 51 -4.50 -21.01 -3.87
C HIS A 51 -4.01 -22.24 -3.15
N HIS A 52 -4.31 -23.43 -3.69
CA HIS A 52 -3.84 -24.69 -3.12
C HIS A 52 -2.33 -24.73 -3.06
N THR A 53 -1.68 -24.38 -4.17
CA THR A 53 -0.23 -24.31 -4.25
C THR A 53 0.34 -23.31 -3.26
N ALA A 54 -0.30 -22.15 -3.15
CA ALA A 54 0.17 -21.11 -2.24
C ALA A 54 -0.07 -21.50 -0.79
N LEU A 55 -1.10 -22.30 -0.54
CA LEU A 55 -1.45 -22.65 0.84
C LEU A 55 -0.55 -23.75 1.35
N ARG A 56 -0.13 -24.67 0.48
CA ARG A 56 0.72 -25.79 0.87
C ARG A 56 2.08 -25.32 1.32
N GLN A 57 2.54 -24.20 0.77
CA GLN A 57 3.81 -23.65 1.22
C GLN A 57 3.68 -23.02 2.59
N ALA A 58 2.46 -22.58 2.93
CA ALA A 58 2.25 -21.83 4.16
C ALA A 58 2.32 -22.74 5.38
N ILE A 59 1.85 -23.98 5.26
CA ILE A 59 2.05 -24.94 6.35
C ILE A 59 3.53 -25.30 6.45
N LEU A 60 4.13 -25.58 5.30
CA LEU A 60 5.51 -26.04 5.28
C LEU A 60 6.47 -24.94 5.68
N CYS A 61 6.09 -23.68 5.46
CA CYS A 61 6.86 -22.60 6.05
C CYS A 61 6.66 -22.55 7.55
N TRP A 62 5.41 -22.68 7.99
CA TRP A 62 5.12 -22.58 9.42
C TRP A 62 5.60 -23.81 10.17
N GLY A 63 5.79 -24.92 9.46
CA GLY A 63 6.46 -26.05 10.05
C GLY A 63 7.91 -25.72 10.35
N GLU A 64 8.53 -24.92 9.48
CA GLU A 64 9.92 -24.54 9.71
C GLU A 64 10.06 -23.54 10.84
N LEU A 65 9.13 -22.59 10.95
CA LEU A 65 9.21 -21.57 11.99
C LEU A 65 8.98 -22.19 13.36
N MET A 66 8.07 -23.15 13.45
CA MET A 66 7.87 -23.81 14.72
C MET A 66 9.00 -24.77 15.05
N THR A 67 9.68 -25.29 14.03
CA THR A 67 10.80 -26.18 14.27
C THR A 67 11.99 -25.42 14.86
N LEU A 68 12.30 -24.28 14.26
CA LEU A 68 13.41 -23.44 14.69
C LEU A 68 13.17 -22.86 16.07
N ALA A 69 11.92 -22.44 16.34
CA ALA A 69 11.59 -21.89 17.64
C ALA A 69 11.60 -22.97 18.70
N THR A 70 11.31 -24.21 18.31
CA THR A 70 11.47 -25.34 19.20
C THR A 70 12.94 -25.59 19.47
N TRP A 71 13.75 -25.57 18.41
CA TRP A 71 15.18 -25.86 18.49
C TRP A 71 15.92 -24.88 19.37
N VAL A 72 15.54 -23.61 19.33
CA VAL A 72 16.10 -22.63 20.25
C VAL A 72 15.62 -22.92 21.67
N GLY A 73 14.36 -23.33 21.80
CA GLY A 73 13.83 -23.71 23.09
C GLY A 73 14.32 -25.04 23.62
N ASN A 74 15.13 -25.77 22.84
CA ASN A 74 15.74 -27.00 23.33
C ASN A 74 17.11 -26.77 23.96
N ASN A 75 17.79 -25.67 23.64
CA ASN A 75 19.19 -25.59 24.00
C ASN A 75 19.64 -24.29 24.63
N LEU A 76 18.82 -23.25 24.68
CA LEU A 76 19.28 -21.98 25.22
C LEU A 76 18.54 -21.61 26.50
N ARG A 385 15.24 -18.32 25.42
CA ARG A 385 14.73 -19.51 24.73
C ARG A 385 13.21 -19.53 24.73
N ASP A 386 12.60 -18.62 25.48
CA ASP A 386 11.14 -18.49 25.43
C ASP A 386 10.73 -17.08 25.05
N LEU A 387 11.69 -16.17 24.92
CA LEU A 387 11.44 -14.90 24.24
C LEU A 387 11.09 -15.14 22.78
N VAL A 388 11.75 -16.12 22.18
CA VAL A 388 11.59 -16.45 20.77
C VAL A 388 10.19 -17.00 20.50
N VAL A 389 9.60 -17.67 21.49
CA VAL A 389 8.32 -18.33 21.34
C VAL A 389 7.24 -17.26 21.28
N ASN A 390 7.37 -16.23 22.11
CA ASN A 390 6.47 -15.10 22.07
C ASN A 390 6.73 -14.21 20.88
N TYR A 391 8.00 -14.09 20.48
CA TYR A 391 8.38 -13.26 19.35
C TYR A 391 7.87 -13.83 18.04
N VAL A 392 7.95 -15.15 17.88
CA VAL A 392 7.51 -15.75 16.63
C VAL A 392 5.99 -15.72 16.53
N ASN A 393 5.32 -15.66 17.68
CA ASN A 393 3.88 -15.46 17.70
C ASN A 393 3.50 -13.99 17.72
N THR A 394 4.48 -13.10 17.57
CA THR A 394 4.18 -11.68 17.57
C THR A 394 4.27 -11.13 16.15
N ASN A 395 5.33 -11.51 15.44
CA ASN A 395 5.55 -10.94 14.12
C ASN A 395 5.47 -12.00 13.04
N MET A 396 6.20 -13.11 13.20
CA MET A 396 6.21 -14.16 12.20
C MET A 396 4.90 -14.91 12.17
N GLY A 397 4.23 -15.02 13.32
CA GLY A 397 2.95 -15.69 13.40
C GLY A 397 1.86 -14.94 12.67
N LEU A 398 1.82 -13.61 12.85
CA LEU A 398 0.77 -12.80 12.26
C LEU A 398 0.84 -12.78 10.74
N LYS A 399 2.05 -12.85 10.19
CA LYS A 399 2.20 -12.89 8.74
C LYS A 399 1.65 -14.19 8.16
N ILE A 400 1.87 -15.30 8.87
CA ILE A 400 1.31 -16.56 8.43
C ILE A 400 -0.18 -16.58 8.73
N ARG A 401 -0.59 -15.90 9.79
CA ARG A 401 -1.98 -15.96 10.22
C ARG A 401 -2.87 -15.17 9.27
N GLN A 402 -2.32 -14.10 8.69
CA GLN A 402 -3.00 -13.43 7.58
C GLN A 402 -3.03 -14.33 6.36
N LEU A 403 -1.93 -15.05 6.13
CA LEU A 403 -1.78 -15.81 4.91
C LEU A 403 -2.66 -17.05 4.93
N LEU A 404 -2.72 -17.71 6.08
CA LEU A 404 -3.58 -18.88 6.20
C LEU A 404 -5.05 -18.50 6.20
N TRP A 405 -5.40 -17.36 6.77
CA TRP A 405 -6.78 -16.93 6.76
C TRP A 405 -7.24 -16.58 5.36
N PHE A 406 -6.33 -16.06 4.54
CA PHE A 406 -6.72 -15.53 3.24
C PHE A 406 -7.08 -16.64 2.27
N HIS A 407 -6.22 -17.64 2.14
CA HIS A 407 -6.45 -18.65 1.11
C HIS A 407 -7.53 -19.62 1.52
N ILE A 408 -7.66 -19.89 2.81
CA ILE A 408 -8.75 -20.72 3.30
C ILE A 408 -10.08 -20.05 3.05
N SER A 409 -10.15 -18.73 3.22
CA SER A 409 -11.36 -18.00 2.90
C SER A 409 -11.59 -17.93 1.41
N CYS A 410 -10.51 -17.83 0.62
CA CYS A 410 -10.68 -17.74 -0.83
C CYS A 410 -11.13 -19.06 -1.42
N LEU A 411 -10.69 -20.17 -0.83
CA LEU A 411 -11.15 -21.45 -1.32
C LEU A 411 -12.57 -21.75 -0.87
N THR A 412 -13.01 -21.12 0.20
CA THR A 412 -14.33 -21.38 0.74
C THR A 412 -15.39 -20.49 0.09
N PHE A 413 -15.10 -19.21 -0.04
CA PHE A 413 -16.08 -18.25 -0.48
C PHE A 413 -15.81 -17.67 -1.85
N GLY A 414 -14.67 -17.97 -2.46
CA GLY A 414 -14.32 -17.35 -3.71
C GLY A 414 -13.47 -16.11 -3.46
N ARG A 415 -12.69 -15.70 -4.45
CA ARG A 415 -11.81 -14.56 -4.29
C ARG A 415 -12.57 -13.25 -4.13
N GLU A 416 -13.50 -13.01 -5.05
CA GLU A 416 -14.21 -11.74 -5.13
C GLU A 416 -15.07 -11.48 -3.90
N THR A 417 -15.61 -12.55 -3.31
CA THR A 417 -16.36 -12.43 -2.07
C THR A 417 -15.43 -12.03 -0.92
N VAL A 418 -14.21 -12.57 -0.93
CA VAL A 418 -13.23 -12.24 0.11
C VAL A 418 -12.75 -10.81 -0.07
N LEU A 419 -12.40 -10.43 -1.30
CA LEU A 419 -11.77 -9.14 -1.55
C LEU A 419 -12.73 -7.99 -1.29
N GLU A 420 -14.02 -8.20 -1.56
CA GLU A 420 -15.01 -7.20 -1.20
C GLU A 420 -15.22 -7.16 0.31
N TYR A 421 -15.07 -8.30 0.97
CA TYR A 421 -15.25 -8.35 2.41
C TYR A 421 -14.14 -7.60 3.13
N LEU A 422 -12.92 -7.65 2.57
CA LEU A 422 -11.78 -6.98 3.17
C LEU A 422 -11.94 -5.48 3.13
N VAL A 423 -12.51 -4.98 2.03
CA VAL A 423 -12.84 -3.56 1.93
C VAL A 423 -13.95 -3.22 2.90
N SER A 424 -14.98 -4.06 2.94
CA SER A 424 -16.17 -3.82 3.74
C SER A 424 -15.91 -3.85 5.23
N PHE A 425 -15.11 -4.81 5.69
CA PHE A 425 -14.95 -5.00 7.13
C PHE A 425 -14.09 -3.90 7.73
N GLY A 426 -13.08 -3.47 7.01
CA GLY A 426 -12.18 -2.47 7.55
C GLY A 426 -12.79 -1.09 7.60
N VAL A 427 -13.75 -0.83 6.70
CA VAL A 427 -14.51 0.41 6.79
C VAL A 427 -15.45 0.37 7.98
N TRP A 428 -16.00 -0.81 8.27
CA TRP A 428 -16.96 -0.97 9.35
C TRP A 428 -16.33 -0.68 10.71
N ILE A 429 -15.12 -1.18 10.94
CA ILE A 429 -14.47 -0.90 12.21
C ILE A 429 -13.94 0.53 12.24
N ARG A 430 -13.67 1.10 11.08
CA ARG A 430 -13.28 2.50 10.99
C ARG A 430 -14.45 3.42 10.76
N THR A 431 -15.61 2.98 11.09
CA THR A 431 -16.78 3.83 11.15
C THR A 431 -17.10 4.05 12.60
N PRO A 432 -17.48 5.26 13.02
CA PRO A 432 -17.96 5.45 14.39
C PRO A 432 -19.20 4.63 14.65
N PRO A 433 -19.34 4.09 15.86
CA PRO A 433 -20.28 2.98 16.08
C PRO A 433 -21.74 3.38 16.01
N ALA A 434 -22.03 4.67 16.19
CA ALA A 434 -23.40 5.13 16.18
C ALA A 434 -23.95 5.22 14.77
N TYR A 435 -23.08 5.20 13.77
CA TYR A 435 -23.47 5.50 12.40
C TYR A 435 -23.07 4.36 11.48
N ARG A 436 -23.21 3.14 11.94
CA ARG A 436 -22.79 1.97 11.19
C ARG A 436 -23.79 0.86 11.44
N PRO A 437 -23.79 -0.20 10.63
CA PRO A 437 -24.52 -1.41 11.00
C PRO A 437 -24.01 -1.97 12.32
N PRO A 438 -24.91 -2.52 13.15
CA PRO A 438 -24.55 -2.83 14.54
C PRO A 438 -23.56 -3.98 14.68
N ASN A 439 -23.83 -5.10 14.03
CA ASN A 439 -22.95 -6.26 14.11
C ASN A 439 -21.94 -6.22 12.98
N ALA A 440 -20.80 -6.85 13.19
CA ALA A 440 -19.74 -6.91 12.20
C ALA A 440 -20.20 -7.74 11.02
N PRO A 441 -19.84 -7.37 9.79
CA PRO A 441 -20.13 -8.22 8.64
C PRO A 441 -19.24 -9.46 8.68
N ILE A 442 -19.77 -10.55 8.12
CA ILE A 442 -19.08 -11.83 8.11
C ILE A 442 -19.34 -12.45 6.74
N LEU A 443 -18.52 -13.42 6.37
CA LEU A 443 -18.45 -13.87 5.00
C LEU A 443 -19.64 -14.77 4.68
N SER A 444 -20.17 -14.61 3.46
CA SER A 444 -21.34 -15.35 3.05
C SER A 444 -21.04 -16.07 1.74
N THR A 445 -21.61 -17.27 1.61
CA THR A 445 -21.39 -18.08 0.43
C THR A 445 -22.37 -17.69 -0.67
N MET B 1 -1.07 -33.55 9.24
CA MET B 1 -0.89 -33.83 7.82
C MET B 1 0.51 -33.45 7.34
N ASP B 2 1.04 -34.23 6.39
CA ASP B 2 2.37 -33.99 5.83
C ASP B 2 2.25 -33.73 4.33
N ILE B 3 2.42 -32.47 3.95
CA ILE B 3 2.27 -32.05 2.57
C ILE B 3 3.61 -32.20 1.88
N ASP B 4 3.64 -32.97 0.81
CA ASP B 4 4.80 -33.02 -0.07
C ASP B 4 4.73 -31.84 -1.02
N PRO B 5 5.65 -30.88 -0.95
CA PRO B 5 5.53 -29.69 -1.81
C PRO B 5 5.80 -29.97 -3.28
N TYR B 6 6.42 -31.10 -3.59
CA TYR B 6 6.79 -31.41 -4.96
C TYR B 6 5.78 -32.31 -5.64
N LYS B 7 4.74 -32.72 -4.91
CA LYS B 7 3.87 -33.79 -5.37
C LYS B 7 3.00 -33.35 -6.54
N GLU B 8 2.67 -32.07 -6.56
CA GLU B 8 1.78 -31.53 -7.58
C GLU B 8 2.53 -31.14 -8.83
N PHE B 9 3.82 -31.44 -8.87
CA PHE B 9 4.71 -31.03 -9.95
C PHE B 9 5.26 -32.26 -10.66
N GLY B 10 4.70 -33.43 -10.36
CA GLY B 10 5.20 -34.65 -10.95
C GLY B 10 6.47 -35.15 -10.30
N ALA B 11 6.77 -34.65 -9.10
CA ALA B 11 7.96 -35.10 -8.37
C ALA B 11 7.54 -35.57 -7.00
N THR B 12 8.53 -35.89 -6.19
CA THR B 12 8.34 -36.25 -4.80
C THR B 12 9.66 -36.07 -4.08
N VAL B 13 9.61 -36.15 -2.75
CA VAL B 13 10.81 -35.91 -1.97
C VAL B 13 11.70 -37.15 -1.97
N GLU B 14 11.15 -38.30 -2.36
CA GLU B 14 11.99 -39.45 -2.70
C GLU B 14 12.89 -39.13 -3.88
N LEU B 15 12.34 -38.54 -4.93
CA LEU B 15 13.06 -38.31 -6.17
C LEU B 15 14.13 -37.23 -6.01
N LEU B 16 13.89 -36.28 -5.10
CA LEU B 16 14.92 -35.29 -4.79
C LEU B 16 15.88 -35.79 -3.73
N SER B 17 15.61 -36.96 -3.14
CA SER B 17 16.56 -37.53 -2.21
C SER B 17 17.66 -38.28 -2.94
N PHE B 18 17.54 -38.44 -4.26
CA PHE B 18 18.62 -38.97 -5.08
C PHE B 18 19.86 -38.09 -5.00
N LEU B 19 19.64 -36.79 -4.93
CA LEU B 19 20.71 -35.83 -5.02
C LEU B 19 21.49 -35.85 -3.72
N PRO B 20 22.80 -35.71 -3.75
CA PRO B 20 23.52 -35.49 -2.48
C PRO B 20 23.19 -34.12 -1.93
N SER B 21 23.36 -33.96 -0.62
CA SER B 21 22.91 -32.74 0.03
C SER B 21 23.78 -31.54 -0.32
N ASP B 22 25.04 -31.80 -0.65
CA ASP B 22 25.93 -30.70 -1.02
C ASP B 22 25.82 -30.29 -2.47
N PHE B 23 25.04 -31.02 -3.27
CA PHE B 23 24.82 -30.67 -4.67
C PHE B 23 24.08 -29.37 -4.84
N PHE B 24 23.14 -29.09 -4.01
CA PHE B 24 22.34 -27.89 -4.11
C PHE B 24 23.17 -26.68 -3.71
N PRO B 25 23.32 -25.72 -4.62
CA PRO B 25 24.19 -24.57 -4.33
C PRO B 25 23.59 -23.63 -3.30
N SER B 26 24.37 -22.65 -2.85
CA SER B 26 24.00 -21.84 -1.70
C SER B 26 22.81 -20.94 -2.05
N VAL B 27 22.18 -20.40 -1.00
CA VAL B 27 20.89 -19.73 -1.18
C VAL B 27 21.06 -18.45 -1.99
N ARG B 28 22.19 -17.80 -1.80
CA ARG B 28 22.51 -16.57 -2.51
C ARG B 28 22.66 -16.86 -4.00
N ASP B 29 23.18 -18.04 -4.34
CA ASP B 29 23.33 -18.45 -5.73
C ASP B 29 21.98 -18.70 -6.38
N LEU B 30 20.99 -19.15 -5.59
CA LEU B 30 19.67 -19.36 -6.16
C LEU B 30 18.90 -18.05 -6.25
N LEU B 31 18.98 -17.23 -5.20
CA LEU B 31 18.22 -16.00 -5.14
C LEU B 31 18.69 -15.01 -6.19
N ASP B 32 19.99 -15.00 -6.46
CA ASP B 32 20.50 -14.15 -7.53
C ASP B 32 20.10 -14.69 -8.89
N THR B 33 19.88 -16.00 -8.99
CA THR B 33 19.50 -16.60 -10.26
C THR B 33 18.06 -16.26 -10.59
N ALA B 34 17.17 -16.30 -9.59
CA ALA B 34 15.80 -15.88 -9.82
C ALA B 34 15.73 -14.37 -10.00
N SER B 35 16.66 -13.64 -9.38
CA SER B 35 16.72 -12.20 -9.62
C SER B 35 17.33 -11.89 -10.98
N ALA B 36 18.00 -12.86 -11.58
CA ALA B 36 18.67 -12.61 -12.85
C ALA B 36 17.68 -12.53 -14.00
N LEU B 37 16.75 -13.46 -14.08
CA LEU B 37 15.93 -13.54 -15.27
C LEU B 37 14.46 -13.74 -14.94
N TYR B 38 14.13 -13.82 -13.66
CA TYR B 38 12.75 -14.06 -13.25
C TYR B 38 12.23 -12.95 -12.36
N ARG B 39 13.07 -11.95 -12.11
CA ARG B 39 12.76 -10.83 -11.22
C ARG B 39 11.55 -10.03 -11.72
N GLU B 40 11.37 -10.00 -13.04
CA GLU B 40 10.17 -9.43 -13.61
C GLU B 40 8.93 -10.25 -13.27
N ALA B 41 8.95 -11.54 -13.58
CA ALA B 41 7.77 -12.39 -13.50
C ALA B 41 7.35 -12.68 -12.07
N LEU B 42 8.32 -12.73 -11.15
CA LEU B 42 8.01 -12.97 -9.74
C LEU B 42 7.28 -11.78 -9.15
N GLU B 43 7.71 -10.58 -9.50
CA GLU B 43 7.05 -9.39 -8.99
C GLU B 43 5.81 -9.05 -9.81
N SER B 44 5.65 -9.72 -10.95
CA SER B 44 4.47 -9.57 -11.78
C SER B 44 3.27 -10.24 -11.10
N PRO B 45 2.08 -9.67 -11.23
CA PRO B 45 0.91 -10.32 -10.65
C PRO B 45 0.24 -11.30 -11.59
N GLU B 46 0.89 -11.59 -12.71
CA GLU B 46 0.35 -12.53 -13.69
C GLU B 46 0.61 -13.94 -13.22
N HIS B 47 -0.45 -14.74 -13.16
CA HIS B 47 -0.29 -16.15 -12.88
C HIS B 47 0.33 -16.83 -14.10
N CYS B 48 1.64 -16.97 -14.06
CA CYS B 48 2.38 -17.55 -15.16
C CYS B 48 2.58 -19.05 -15.01
N SER B 49 2.71 -19.53 -13.78
CA SER B 49 2.93 -20.94 -13.51
C SER B 49 2.63 -21.20 -12.04
N PRO B 50 2.40 -22.44 -11.66
CA PRO B 50 2.48 -22.78 -10.24
C PRO B 50 3.91 -22.76 -9.73
N HIS B 51 4.88 -22.88 -10.64
CA HIS B 51 6.28 -22.78 -10.25
C HIS B 51 6.62 -21.37 -9.78
N HIS B 52 6.03 -20.36 -10.40
CA HIS B 52 6.16 -19.00 -9.91
C HIS B 52 5.58 -18.88 -8.52
N THR B 53 4.32 -19.30 -8.38
CA THR B 53 3.52 -19.19 -7.16
C THR B 53 4.20 -19.88 -5.98
N ALA B 54 4.82 -21.02 -6.24
CA ALA B 54 5.58 -21.70 -5.20
C ALA B 54 6.85 -20.96 -4.87
N LEU B 55 7.48 -20.36 -5.89
CA LEU B 55 8.79 -19.78 -5.69
C LEU B 55 8.69 -18.45 -4.94
N ARG B 56 7.57 -17.74 -5.13
CA ARG B 56 7.34 -16.51 -4.39
C ARG B 56 7.21 -16.79 -2.90
N GLN B 57 6.53 -17.88 -2.57
CA GLN B 57 6.33 -18.21 -1.16
C GLN B 57 7.61 -18.74 -0.52
N ALA B 58 8.49 -19.33 -1.33
CA ALA B 58 9.71 -19.89 -0.78
C ALA B 58 10.73 -18.81 -0.48
N ILE B 59 10.72 -17.73 -1.25
CA ILE B 59 11.64 -16.62 -1.01
C ILE B 59 11.23 -15.90 0.27
N LEU B 60 9.94 -15.61 0.38
CA LEU B 60 9.38 -14.93 1.54
C LEU B 60 9.52 -15.76 2.80
N CYS B 61 9.47 -17.08 2.67
CA CYS B 61 9.68 -17.93 3.82
C CYS B 61 11.15 -17.90 4.21
N TRP B 62 12.03 -17.89 3.22
CA TRP B 62 13.46 -17.82 3.49
C TRP B 62 13.86 -16.50 4.12
N GLY B 63 13.27 -15.41 3.65
CA GLY B 63 13.52 -14.12 4.24
C GLY B 63 12.92 -14.01 5.62
N GLU B 64 11.95 -14.87 5.92
CA GLU B 64 11.34 -14.84 7.24
C GLU B 64 12.23 -15.54 8.26
N LEU B 65 12.91 -16.62 7.85
CA LEU B 65 13.82 -17.32 8.75
C LEU B 65 15.04 -16.47 9.07
N MET B 66 15.59 -15.79 8.05
CA MET B 66 16.77 -14.98 8.27
C MET B 66 16.46 -13.76 9.12
N THR B 67 15.22 -13.27 9.06
CA THR B 67 14.75 -12.23 9.96
C THR B 67 14.75 -12.72 11.40
N LEU B 68 14.39 -13.99 11.61
CA LEU B 68 14.40 -14.53 12.96
C LEU B 68 15.80 -15.01 13.34
N ALA B 69 16.61 -15.39 12.35
CA ALA B 69 17.96 -15.86 12.64
C ALA B 69 18.85 -14.70 13.06
N THR B 70 18.65 -13.53 12.43
CA THR B 70 19.37 -12.34 12.86
C THR B 70 18.79 -11.79 14.15
N TRP B 71 17.57 -12.19 14.49
CA TRP B 71 16.95 -11.70 15.72
C TRP B 71 17.59 -12.35 16.93
N VAL B 72 17.89 -13.64 16.84
CA VAL B 72 18.53 -14.34 17.95
C VAL B 72 19.98 -13.89 18.08
N GLY B 73 20.62 -13.60 16.96
CA GLY B 73 21.97 -13.06 16.97
C GLY B 73 22.02 -11.60 17.37
N ASN B 74 20.87 -10.97 17.52
CA ASN B 74 20.78 -9.61 18.04
C ASN B 74 20.24 -9.61 19.47
N ASN B 75 19.60 -10.69 19.91
CA ASN B 75 18.95 -10.66 21.20
C ASN B 75 19.20 -11.88 22.07
N LEU B 76 20.04 -12.83 21.66
CA LEU B 76 20.47 -13.88 22.56
C LEU B 76 21.98 -14.10 22.42
N ARG B 385 25.91 -17.48 19.47
CA ARG B 385 24.62 -17.04 18.95
C ARG B 385 24.55 -17.22 17.44
N ASP B 386 25.70 -17.41 16.82
CA ASP B 386 25.72 -17.68 15.38
C ASP B 386 25.57 -19.17 15.10
N LEU B 387 25.53 -20.00 16.15
CA LEU B 387 25.21 -21.42 16.00
C LEU B 387 23.79 -21.61 15.50
N VAL B 388 22.91 -20.66 15.83
CA VAL B 388 21.56 -20.65 15.29
C VAL B 388 21.61 -20.48 13.77
N VAL B 389 22.45 -19.58 13.30
CA VAL B 389 22.62 -19.33 11.87
C VAL B 389 23.29 -20.56 11.25
N ASN B 390 24.19 -21.18 12.01
CA ASN B 390 24.80 -22.44 11.63
C ASN B 390 23.80 -23.58 11.61
N TYR B 391 22.73 -23.48 12.40
CA TYR B 391 21.69 -24.49 12.35
C TYR B 391 20.76 -24.29 11.16
N VAL B 392 20.39 -23.04 10.87
CA VAL B 392 19.42 -22.74 9.83
C VAL B 392 20.04 -23.00 8.46
N ASN B 393 21.19 -22.39 8.22
CA ASN B 393 21.78 -22.35 6.88
C ASN B 393 22.41 -23.69 6.51
N THR B 394 22.39 -24.65 7.43
CA THR B 394 22.84 -26.00 7.16
C THR B 394 21.65 -26.95 7.05
N ASN B 395 20.76 -26.90 8.04
CA ASN B 395 19.77 -27.96 8.18
C ASN B 395 18.41 -27.55 7.65
N MET B 396 17.87 -26.45 8.16
CA MET B 396 16.55 -26.01 7.72
C MET B 396 16.62 -25.30 6.39
N GLY B 397 17.75 -24.67 6.11
CA GLY B 397 17.95 -24.01 4.84
C GLY B 397 18.20 -25.00 3.72
N LEU B 398 18.58 -26.23 4.06
CA LEU B 398 18.79 -27.25 3.05
C LEU B 398 17.48 -27.62 2.39
N LYS B 399 16.41 -27.65 3.19
CA LYS B 399 15.07 -27.84 2.63
C LYS B 399 14.67 -26.64 1.79
N ILE B 400 15.15 -25.45 2.16
CA ILE B 400 14.84 -24.25 1.37
C ILE B 400 15.59 -24.30 0.05
N ARG B 401 16.84 -24.77 0.07
CA ARG B 401 17.63 -24.85 -1.14
C ARG B 401 17.08 -25.90 -2.11
N GLN B 402 16.35 -26.88 -1.57
CA GLN B 402 15.71 -27.88 -2.42
C GLN B 402 14.61 -27.27 -3.27
N LEU B 403 13.79 -26.39 -2.70
CA LEU B 403 12.73 -25.75 -3.46
C LEU B 403 13.31 -24.82 -4.51
N LEU B 404 14.20 -23.94 -4.07
CA LEU B 404 14.80 -22.92 -4.93
C LEU B 404 15.61 -23.55 -6.04
N TRP B 405 16.18 -24.73 -5.80
CA TRP B 405 16.80 -25.44 -6.90
C TRP B 405 15.73 -25.94 -7.86
N PHE B 406 14.63 -26.44 -7.30
CA PHE B 406 13.64 -27.15 -8.09
C PHE B 406 12.90 -26.22 -9.03
N HIS B 407 12.28 -25.18 -8.49
CA HIS B 407 11.36 -24.38 -9.28
C HIS B 407 12.09 -23.51 -10.28
N ILE B 408 13.31 -23.09 -9.96
CA ILE B 408 14.12 -22.33 -10.90
C ILE B 408 14.45 -23.18 -12.11
N SER B 409 14.85 -24.43 -11.89
CA SER B 409 15.24 -25.27 -13.01
C SER B 409 14.02 -25.72 -13.80
N CYS B 410 12.88 -25.88 -13.15
CA CYS B 410 11.66 -26.28 -13.85
C CYS B 410 11.16 -25.16 -14.73
N LEU B 411 11.34 -23.91 -14.30
CA LEU B 411 10.99 -22.79 -15.17
C LEU B 411 11.98 -22.64 -16.30
N THR B 412 13.27 -22.72 -16.01
CA THR B 412 14.30 -22.47 -17.01
C THR B 412 14.43 -23.60 -18.01
N PHE B 413 14.34 -24.84 -17.56
CA PHE B 413 14.67 -25.96 -18.40
C PHE B 413 13.47 -26.83 -18.76
N GLY B 414 12.29 -26.51 -18.25
CA GLY B 414 11.13 -27.32 -18.53
C GLY B 414 10.97 -28.36 -17.44
N ARG B 415 9.74 -28.53 -16.96
CA ARG B 415 9.45 -29.40 -15.82
C ARG B 415 9.73 -30.85 -16.17
N GLU B 416 9.49 -31.22 -17.43
CA GLU B 416 9.70 -32.60 -17.87
C GLU B 416 11.18 -32.93 -17.89
N THR B 417 12.00 -31.99 -18.35
CA THR B 417 13.44 -32.20 -18.46
C THR B 417 14.08 -32.34 -17.09
N VAL B 418 13.56 -31.58 -16.11
CA VAL B 418 14.09 -31.64 -14.76
C VAL B 418 13.77 -33.00 -14.13
N LEU B 419 12.56 -33.50 -14.38
CA LEU B 419 12.16 -34.79 -13.84
C LEU B 419 12.97 -35.92 -14.45
N GLU B 420 13.36 -35.78 -15.71
CA GLU B 420 14.26 -36.75 -16.32
C GLU B 420 15.66 -36.63 -15.74
N TYR B 421 16.03 -35.41 -15.35
CA TYR B 421 17.37 -35.17 -14.83
C TYR B 421 17.55 -35.80 -13.46
N LEU B 422 16.50 -35.78 -12.64
CA LEU B 422 16.56 -36.34 -11.30
C LEU B 422 16.77 -37.83 -11.36
N VAL B 423 16.14 -38.46 -12.36
CA VAL B 423 16.29 -39.89 -12.58
C VAL B 423 17.68 -40.15 -13.14
N SER B 424 18.12 -39.30 -14.08
CA SER B 424 19.39 -39.55 -14.76
C SER B 424 20.57 -39.27 -13.85
N PHE B 425 20.40 -38.34 -12.91
CA PHE B 425 21.50 -38.08 -11.97
C PHE B 425 21.59 -39.19 -10.95
N GLY B 426 20.46 -39.81 -10.63
CA GLY B 426 20.43 -40.88 -9.65
C GLY B 426 21.14 -42.12 -10.12
N VAL B 427 21.13 -42.34 -11.43
CA VAL B 427 21.88 -43.43 -12.06
C VAL B 427 23.36 -43.17 -11.86
N TRP B 428 23.74 -41.90 -12.01
CA TRP B 428 25.14 -41.50 -11.96
C TRP B 428 25.67 -41.63 -10.54
N ILE B 429 24.82 -41.37 -9.56
CA ILE B 429 25.27 -41.47 -8.17
C ILE B 429 25.34 -42.93 -7.73
N ARG B 430 24.30 -43.69 -8.05
CA ARG B 430 24.22 -45.08 -7.58
C ARG B 430 25.22 -45.98 -8.29
N THR B 431 25.81 -45.52 -9.39
CA THR B 431 26.94 -46.22 -9.98
C THR B 431 28.10 -46.17 -9.00
N PRO B 432 28.81 -47.27 -8.76
CA PRO B 432 30.03 -47.22 -7.96
C PRO B 432 31.06 -46.33 -8.61
N PRO B 433 31.92 -45.67 -7.84
CA PRO B 433 32.73 -44.57 -8.39
C PRO B 433 33.80 -45.00 -9.37
N ALA B 434 34.31 -46.22 -9.22
CA ALA B 434 35.34 -46.73 -10.11
C ALA B 434 34.80 -46.94 -11.51
N TYR B 435 33.50 -47.23 -11.60
CA TYR B 435 32.83 -47.39 -12.88
C TYR B 435 31.98 -46.19 -13.25
N ARG B 436 32.07 -45.10 -12.50
CA ARG B 436 31.28 -43.92 -12.77
C ARG B 436 31.92 -43.16 -13.91
N PRO B 437 31.15 -42.72 -14.91
CA PRO B 437 31.71 -41.88 -15.97
C PRO B 437 32.11 -40.53 -15.40
N PRO B 438 33.18 -39.92 -15.93
CA PRO B 438 33.74 -38.72 -15.29
C PRO B 438 32.85 -37.49 -15.37
N ASN B 439 32.20 -37.28 -16.51
CA ASN B 439 31.27 -36.17 -16.57
C ASN B 439 29.97 -36.52 -15.86
N ALA B 440 29.40 -35.52 -15.22
CA ALA B 440 28.11 -35.72 -14.57
C ALA B 440 27.05 -35.31 -15.55
N PRO B 441 25.84 -35.84 -15.45
CA PRO B 441 24.71 -35.25 -16.18
C PRO B 441 24.43 -33.88 -15.61
N ILE B 442 24.19 -32.94 -16.50
CA ILE B 442 23.99 -31.55 -16.10
C ILE B 442 22.98 -30.95 -17.05
N LEU B 443 22.29 -29.90 -16.63
CA LEU B 443 21.31 -29.28 -17.49
C LEU B 443 21.97 -28.25 -18.40
N SER B 444 21.49 -28.16 -19.62
CA SER B 444 21.95 -27.13 -20.55
C SER B 444 20.90 -26.86 -21.60
N THR B 445 21.30 -26.18 -22.67
CA THR B 445 20.43 -25.98 -23.83
C THR B 445 21.32 -26.11 -25.05
N LEU B 446 21.36 -27.32 -25.62
CA LEU B 446 22.23 -27.60 -26.76
C LEU B 446 21.45 -27.42 -28.07
N MET C 1 -11.80 35.54 -2.31
CA MET C 1 -13.12 35.07 -2.71
C MET C 1 -13.57 33.93 -1.80
N ASP C 2 -14.80 33.45 -2.01
CA ASP C 2 -15.35 32.34 -1.24
C ASP C 2 -15.57 31.15 -2.18
N ILE C 3 -14.83 30.08 -1.92
CA ILE C 3 -14.89 28.88 -2.74
C ILE C 3 -15.47 27.75 -1.91
N ASP C 4 -16.56 27.18 -2.41
CA ASP C 4 -17.13 25.98 -1.82
C ASP C 4 -16.44 24.77 -2.41
N PRO C 5 -15.74 23.96 -1.62
CA PRO C 5 -15.03 22.80 -2.19
C PRO C 5 -15.94 21.69 -2.66
N TYR C 6 -17.24 21.78 -2.38
CA TYR C 6 -18.17 20.71 -2.67
C TYR C 6 -19.09 21.04 -3.83
N LYS C 7 -19.07 22.28 -4.30
CA LYS C 7 -20.05 22.81 -5.23
C LYS C 7 -19.94 22.13 -6.58
N GLU C 8 -18.75 21.66 -6.92
CA GLU C 8 -18.51 20.84 -8.10
C GLU C 8 -19.34 19.56 -8.09
N PHE C 9 -19.57 19.03 -6.90
CA PHE C 9 -19.99 17.66 -6.68
C PHE C 9 -21.46 17.56 -6.34
N GLY C 10 -22.20 18.65 -6.54
CA GLY C 10 -23.62 18.64 -6.25
C GLY C 10 -23.94 18.77 -4.78
N ALA C 11 -22.97 19.20 -3.99
CA ALA C 11 -23.17 19.36 -2.55
C ALA C 11 -22.68 20.73 -2.15
N THR C 12 -23.04 21.14 -0.94
CA THR C 12 -22.59 22.41 -0.41
C THR C 12 -22.03 22.19 0.97
N VAL C 13 -21.41 23.23 1.52
CA VAL C 13 -20.86 23.15 2.86
C VAL C 13 -21.99 23.17 3.89
N GLU C 14 -23.14 23.74 3.53
CA GLU C 14 -24.28 23.73 4.44
C GLU C 14 -24.90 22.34 4.51
N LEU C 15 -24.88 21.62 3.40
CA LEU C 15 -25.39 20.25 3.38
C LEU C 15 -24.47 19.33 4.19
N LEU C 16 -23.18 19.59 4.15
CA LEU C 16 -22.24 18.83 4.97
C LEU C 16 -22.17 19.34 6.41
N SER C 17 -22.86 20.43 6.71
CA SER C 17 -22.79 21.01 8.04
C SER C 17 -23.65 20.24 9.04
N PHE C 18 -24.69 19.57 8.56
CA PHE C 18 -25.63 18.91 9.46
C PHE C 18 -25.05 17.65 10.07
N LEU C 19 -24.03 17.09 9.43
CA LEU C 19 -23.33 15.96 9.99
C LEU C 19 -22.60 16.39 11.24
N PRO C 20 -22.70 15.67 12.35
CA PRO C 20 -22.01 16.10 13.57
C PRO C 20 -20.53 15.81 13.50
N SER C 21 -19.82 16.19 14.56
CA SER C 21 -18.37 16.03 14.59
C SER C 21 -17.99 14.56 14.68
N ASP C 22 -18.73 13.81 15.48
CA ASP C 22 -18.36 12.42 15.75
C ASP C 22 -18.85 11.47 14.67
N PHE C 23 -19.53 11.98 13.65
CA PHE C 23 -19.92 11.15 12.52
C PHE C 23 -18.71 10.71 11.73
N PHE C 24 -17.68 11.50 11.74
CA PHE C 24 -16.46 11.24 11.00
C PHE C 24 -15.51 10.43 11.85
N PRO C 25 -14.85 9.44 11.28
CA PRO C 25 -13.77 8.75 12.00
C PRO C 25 -12.55 9.68 12.12
N SER C 26 -11.56 9.21 12.87
CA SER C 26 -10.37 10.01 13.11
C SER C 26 -9.57 10.14 11.82
N VAL C 27 -8.69 11.16 11.78
CA VAL C 27 -8.09 11.59 10.52
C VAL C 27 -7.16 10.52 9.99
N ARG C 28 -6.52 9.77 10.89
CA ARG C 28 -5.69 8.63 10.53
C ARG C 28 -6.54 7.54 9.89
N ASP C 29 -7.75 7.36 10.40
CA ASP C 29 -8.62 6.30 9.91
C ASP C 29 -9.18 6.60 8.53
N LEU C 30 -9.26 7.89 8.17
CA LEU C 30 -9.62 8.21 6.80
C LEU C 30 -8.45 7.94 5.86
N LEU C 31 -7.25 8.35 6.27
CA LEU C 31 -6.08 8.22 5.41
C LEU C 31 -5.70 6.77 5.22
N ASP C 32 -5.86 5.96 6.27
CA ASP C 32 -5.65 4.53 6.16
C ASP C 32 -6.67 3.90 5.25
N THR C 33 -7.91 4.41 5.29
CA THR C 33 -8.94 3.93 4.38
C THR C 33 -8.62 4.34 2.94
N ALA C 34 -8.03 5.52 2.77
CA ALA C 34 -7.62 5.94 1.43
C ALA C 34 -6.43 5.13 0.95
N SER C 35 -5.47 4.89 1.84
CA SER C 35 -4.22 4.27 1.42
C SER C 35 -4.37 2.77 1.21
N ALA C 36 -5.42 2.18 1.77
CA ALA C 36 -5.55 0.73 1.67
C ALA C 36 -6.20 0.31 0.37
N LEU C 37 -7.14 1.09 -0.13
CA LEU C 37 -7.99 0.58 -1.17
C LEU C 37 -8.23 1.61 -2.27
N TYR C 38 -7.42 2.66 -2.31
CA TYR C 38 -7.38 3.53 -3.49
C TYR C 38 -5.97 3.94 -3.85
N ARG C 39 -4.96 3.25 -3.33
CA ARG C 39 -3.58 3.70 -3.47
C ARG C 39 -3.08 3.51 -4.90
N GLU C 40 -3.53 2.46 -5.57
CA GLU C 40 -3.15 2.23 -6.95
C GLU C 40 -3.87 3.21 -7.87
N ALA C 41 -4.95 3.82 -7.40
CA ALA C 41 -5.65 4.81 -8.19
C ALA C 41 -5.05 6.18 -7.97
N LEU C 42 -4.75 6.52 -6.72
CA LEU C 42 -4.25 7.84 -6.40
C LEU C 42 -2.83 8.06 -6.91
N GLU C 43 -1.97 7.07 -6.76
CA GLU C 43 -0.59 7.23 -7.17
C GLU C 43 -0.43 7.01 -8.66
N SER C 44 -1.46 6.51 -9.31
CA SER C 44 -1.45 6.43 -10.76
C SER C 44 -1.60 7.83 -11.33
N PRO C 45 -0.97 8.14 -12.46
CA PRO C 45 -1.14 9.46 -13.08
C PRO C 45 -2.40 9.61 -13.91
N GLU C 46 -3.39 8.73 -13.75
CA GLU C 46 -4.60 8.77 -14.56
C GLU C 46 -5.68 9.57 -13.86
N HIS C 47 -6.29 10.51 -14.57
CA HIS C 47 -7.52 11.12 -14.10
C HIS C 47 -8.67 10.14 -14.29
N CYS C 48 -8.98 9.40 -13.23
CA CYS C 48 -10.09 8.47 -13.27
C CYS C 48 -11.40 9.07 -12.78
N SER C 49 -11.32 10.23 -12.12
CA SER C 49 -12.48 10.92 -11.58
C SER C 49 -12.06 12.34 -11.24
N PRO C 50 -12.99 13.27 -11.13
CA PRO C 50 -12.67 14.52 -10.43
C PRO C 50 -12.52 14.34 -8.94
N HIS C 51 -13.00 13.22 -8.38
CA HIS C 51 -12.83 12.98 -6.95
C HIS C 51 -11.38 12.67 -6.62
N HIS C 52 -10.74 11.82 -7.43
CA HIS C 52 -9.35 11.44 -7.24
C HIS C 52 -8.42 12.64 -7.26
N THR C 53 -8.66 13.54 -8.20
CA THR C 53 -7.94 14.81 -8.28
C THR C 53 -8.18 15.62 -7.02
N ALA C 54 -9.43 15.65 -6.57
CA ALA C 54 -9.77 16.40 -5.37
C ALA C 54 -9.24 15.72 -4.12
N LEU C 55 -9.17 14.38 -4.15
CA LEU C 55 -8.83 13.66 -2.93
C LEU C 55 -7.35 13.77 -2.62
N ARG C 56 -6.50 13.74 -3.65
CA ARG C 56 -5.04 13.82 -3.52
C ARG C 56 -4.62 15.09 -2.79
N GLN C 57 -5.34 16.17 -3.06
CA GLN C 57 -5.04 17.48 -2.48
C GLN C 57 -5.27 17.48 -0.98
N ALA C 58 -6.20 16.64 -0.52
CA ALA C 58 -6.56 16.65 0.89
C ALA C 58 -5.50 15.97 1.75
N ILE C 59 -4.90 14.89 1.24
CA ILE C 59 -3.77 14.24 1.89
C ILE C 59 -2.62 15.23 2.00
N LEU C 60 -2.32 15.88 0.88
CA LEU C 60 -1.21 16.81 0.79
C LEU C 60 -1.44 18.04 1.64
N CYS C 61 -2.71 18.42 1.83
CA CYS C 61 -3.00 19.53 2.72
C CYS C 61 -2.85 19.10 4.17
N TRP C 62 -3.33 17.89 4.50
CA TRP C 62 -3.24 17.42 5.88
C TRP C 62 -1.80 17.14 6.27
N GLY C 63 -1.00 16.63 5.33
CA GLY C 63 0.41 16.46 5.58
C GLY C 63 1.12 17.79 5.73
N GLU C 64 0.57 18.83 5.10
CA GLU C 64 1.11 20.16 5.28
C GLU C 64 0.72 20.72 6.65
N LEU C 65 -0.51 20.45 7.09
CA LEU C 65 -0.96 20.93 8.40
C LEU C 65 -0.23 20.23 9.53
N MET C 66 0.03 18.93 9.39
CA MET C 66 0.74 18.22 10.45
C MET C 66 2.22 18.56 10.46
N THR C 67 2.73 19.12 9.38
CA THR C 67 4.10 19.61 9.37
C THR C 67 4.27 20.76 10.34
N LEU C 68 3.26 21.64 10.40
CA LEU C 68 3.34 22.81 11.27
C LEU C 68 3.15 22.44 12.73
N ALA C 69 2.24 21.52 13.01
CA ALA C 69 1.98 21.10 14.38
C ALA C 69 3.19 20.36 14.94
N THR C 70 3.89 19.65 14.07
CA THR C 70 5.17 19.05 14.42
C THR C 70 6.20 20.15 14.63
N TRP C 71 6.13 21.19 13.80
CA TRP C 71 7.09 22.28 13.87
C TRP C 71 6.89 23.11 15.14
N VAL C 72 5.64 23.48 15.43
CA VAL C 72 5.34 24.25 16.64
C VAL C 72 5.62 23.43 17.89
N GLY C 73 5.48 22.11 17.81
CA GLY C 73 5.81 21.20 18.89
C GLY C 73 7.24 21.30 19.38
N ASN C 74 8.21 20.96 18.55
CA ASN C 74 9.60 21.09 18.98
C ASN C 74 10.24 22.42 18.55
N ASN C 75 9.58 23.55 18.79
CA ASN C 75 10.23 24.84 18.64
C ASN C 75 9.84 25.81 19.74
N LEU C 76 8.69 25.58 20.36
CA LEU C 76 8.15 26.56 21.28
C LEU C 76 7.74 25.93 22.61
N ARG C 385 2.62 24.73 23.90
CA ARG C 385 3.07 24.30 22.58
C ARG C 385 2.32 23.04 22.14
N ASP C 386 1.66 22.39 23.09
CA ASP C 386 0.84 21.22 22.77
C ASP C 386 -0.63 21.55 22.71
N LEU C 387 -1.00 22.77 23.12
CA LEU C 387 -2.36 23.26 22.94
C LEU C 387 -2.68 23.47 21.47
N VAL C 388 -1.64 23.72 20.66
CA VAL C 388 -1.80 23.90 19.22
C VAL C 388 -2.31 22.62 18.57
N VAL C 389 -1.78 21.48 19.02
CA VAL C 389 -2.22 20.16 18.56
C VAL C 389 -3.67 19.91 18.91
N ASN C 390 -4.13 20.44 20.06
CA ASN C 390 -5.53 20.36 20.44
C ASN C 390 -6.40 21.23 19.55
N TYR C 391 -5.83 22.26 18.95
CA TYR C 391 -6.61 23.14 18.10
C TYR C 391 -6.73 22.60 16.68
N VAL C 392 -5.64 22.01 16.17
CA VAL C 392 -5.59 21.55 14.78
C VAL C 392 -6.44 20.31 14.60
N ASN C 393 -6.15 19.26 15.37
CA ASN C 393 -6.80 17.97 15.21
C ASN C 393 -8.27 17.99 15.56
N THR C 394 -8.72 19.00 16.29
CA THR C 394 -10.10 19.00 16.75
C THR C 394 -10.92 20.02 15.99
N ASN C 395 -10.46 21.26 15.96
CA ASN C 395 -11.27 22.35 15.44
C ASN C 395 -11.08 22.51 13.95
N MET C 396 -9.84 22.38 13.48
CA MET C 396 -9.54 22.63 12.08
C MET C 396 -9.45 21.34 11.29
N GLY C 397 -9.24 20.22 11.98
CA GLY C 397 -9.11 18.95 11.31
C GLY C 397 -10.44 18.39 10.86
N LEU C 398 -11.53 18.92 11.42
CA LEU C 398 -12.87 18.50 11.03
C LEU C 398 -13.15 18.87 9.59
N LYS C 399 -12.61 20.00 9.14
CA LYS C 399 -12.76 20.41 7.76
C LYS C 399 -12.03 19.46 6.82
N ILE C 400 -10.96 18.85 7.31
CA ILE C 400 -10.27 17.82 6.56
C ILE C 400 -11.11 16.56 6.57
N ARG C 401 -11.69 16.23 7.73
CA ARG C 401 -12.45 14.99 7.86
C ARG C 401 -13.73 15.06 7.05
N GLN C 402 -14.31 16.25 6.92
CA GLN C 402 -15.46 16.42 6.03
C GLN C 402 -15.02 16.15 4.61
N LEU C 403 -13.87 16.69 4.25
CA LEU C 403 -13.34 16.62 2.91
C LEU C 403 -12.94 15.19 2.60
N LEU C 404 -12.24 14.53 3.53
CA LEU C 404 -11.79 13.17 3.28
C LEU C 404 -12.95 12.19 3.23
N TRP C 405 -13.92 12.34 4.13
CA TRP C 405 -15.03 11.40 4.18
C TRP C 405 -15.88 11.48 2.93
N PHE C 406 -16.07 12.70 2.42
CA PHE C 406 -16.99 12.94 1.33
C PHE C 406 -16.53 12.29 0.04
N HIS C 407 -15.25 12.37 -0.27
CA HIS C 407 -14.80 11.84 -1.55
C HIS C 407 -14.73 10.33 -1.49
N ILE C 408 -14.21 9.81 -0.37
CA ILE C 408 -14.09 8.38 -0.12
C ILE C 408 -15.46 7.73 -0.17
N SER C 409 -16.47 8.41 0.37
CA SER C 409 -17.83 7.89 0.28
C SER C 409 -18.36 8.00 -1.14
N CYS C 410 -18.04 9.08 -1.85
CA CYS C 410 -18.50 9.22 -3.22
C CYS C 410 -17.74 8.28 -4.15
N LEU C 411 -16.51 7.93 -3.80
CA LEU C 411 -15.80 6.93 -4.57
C LEU C 411 -16.32 5.53 -4.32
N THR C 412 -16.64 5.21 -3.08
CA THR C 412 -17.09 3.87 -2.72
C THR C 412 -18.53 3.63 -3.12
N PHE C 413 -19.37 4.65 -3.04
CA PHE C 413 -20.81 4.47 -3.16
C PHE C 413 -21.42 5.21 -4.35
N GLY C 414 -20.69 6.09 -5.01
CA GLY C 414 -21.29 6.94 -6.02
C GLY C 414 -21.69 8.25 -5.39
N ARG C 415 -21.90 9.28 -6.19
CA ARG C 415 -22.36 10.54 -5.65
C ARG C 415 -23.80 10.41 -5.18
N GLU C 416 -24.61 9.74 -6.01
CA GLU C 416 -26.05 9.68 -5.84
C GLU C 416 -26.43 8.97 -4.55
N THR C 417 -25.61 8.02 -4.12
CA THR C 417 -25.81 7.40 -2.82
C THR C 417 -25.52 8.39 -1.70
N VAL C 418 -24.45 9.16 -1.84
CA VAL C 418 -24.05 10.09 -0.78
C VAL C 418 -25.00 11.27 -0.76
N LEU C 419 -25.37 11.79 -1.92
CA LEU C 419 -26.17 13.00 -1.98
C LEU C 419 -27.61 12.75 -1.53
N GLU C 420 -28.09 11.52 -1.70
CA GLU C 420 -29.36 11.16 -1.10
C GLU C 420 -29.20 10.96 0.40
N TYR C 421 -28.01 10.54 0.82
CA TYR C 421 -27.80 10.24 2.23
C TYR C 421 -27.71 11.49 3.06
N LEU C 422 -27.10 12.54 2.51
CA LEU C 422 -26.92 13.78 3.26
C LEU C 422 -28.25 14.49 3.46
N VAL C 423 -29.18 14.28 2.53
CA VAL C 423 -30.52 14.77 2.70
C VAL C 423 -31.24 13.96 3.77
N SER C 424 -31.14 12.64 3.69
CA SER C 424 -31.83 11.76 4.62
C SER C 424 -31.23 11.83 6.01
N PHE C 425 -29.96 12.25 6.12
CA PHE C 425 -29.42 12.51 7.43
C PHE C 425 -29.85 13.88 7.92
N GLY C 426 -30.09 14.80 7.00
CA GLY C 426 -30.46 16.15 7.34
C GLY C 426 -31.84 16.23 7.94
N VAL C 427 -32.77 15.43 7.41
CA VAL C 427 -34.13 15.41 7.92
C VAL C 427 -34.13 14.63 9.22
N TRP C 428 -33.13 13.78 9.40
CA TRP C 428 -33.03 13.00 10.62
C TRP C 428 -32.57 13.84 11.78
N ILE C 429 -31.49 14.60 11.58
CA ILE C 429 -30.80 15.21 12.70
C ILE C 429 -31.46 16.54 13.06
N ARG C 430 -32.20 17.13 12.12
CA ARG C 430 -32.92 18.36 12.43
C ARG C 430 -34.13 18.12 13.32
N THR C 431 -34.73 16.97 13.25
CA THR C 431 -35.83 16.53 14.08
C THR C 431 -35.35 16.40 15.51
N PRO C 432 -36.09 16.90 16.49
CA PRO C 432 -35.68 16.76 17.90
C PRO C 432 -35.73 15.31 18.35
N PRO C 433 -34.92 14.94 19.37
CA PRO C 433 -34.75 13.52 19.72
C PRO C 433 -35.99 12.82 20.24
N ALA C 434 -36.96 13.59 20.72
CA ALA C 434 -38.22 13.00 21.17
C ALA C 434 -38.99 12.44 20.00
N TYR C 435 -38.87 13.09 18.85
CA TYR C 435 -39.59 12.68 17.65
C TYR C 435 -38.69 11.93 16.69
N ARG C 436 -37.41 11.82 17.01
CA ARG C 436 -36.44 11.22 16.13
C ARG C 436 -36.47 9.71 16.27
N PRO C 437 -36.32 8.95 15.19
CA PRO C 437 -36.06 7.52 15.32
C PRO C 437 -34.72 7.29 15.98
N PRO C 438 -34.61 6.28 16.82
CA PRO C 438 -33.41 6.14 17.65
C PRO C 438 -32.18 5.71 16.85
N ASN C 439 -32.40 5.04 15.74
CA ASN C 439 -31.32 4.60 14.87
C ASN C 439 -31.00 5.70 13.86
N ALA C 440 -29.72 6.04 13.77
CA ALA C 440 -29.27 6.95 12.74
C ALA C 440 -29.33 6.27 11.38
N PRO C 441 -29.56 7.03 10.31
CA PRO C 441 -29.47 6.46 8.97
C PRO C 441 -28.02 6.11 8.69
N ILE C 442 -27.78 4.87 8.39
CA ILE C 442 -26.44 4.43 8.04
C ILE C 442 -26.28 4.57 6.55
N LEU C 443 -25.04 4.56 6.10
CA LEU C 443 -24.77 4.69 4.68
C LEU C 443 -24.49 3.32 4.10
N SER C 444 -25.36 2.88 3.20
CA SER C 444 -25.32 1.54 2.64
C SER C 444 -25.26 1.62 1.13
N THR C 445 -24.89 0.51 0.51
CA THR C 445 -24.68 0.46 -0.93
C THR C 445 -25.98 0.39 -1.71
N LEU C 446 -27.09 0.05 -1.06
CA LEU C 446 -28.40 -0.26 -1.65
C LEU C 446 -28.36 -1.14 -2.90
N MET D 1 1.85 6.78 2.34
CA MET D 1 1.94 6.77 0.88
C MET D 1 2.49 8.08 0.36
N ASP D 2 3.02 8.05 -0.85
CA ASP D 2 3.69 9.22 -1.44
C ASP D 2 2.84 9.73 -2.61
N ILE D 3 1.89 10.58 -2.29
CA ILE D 3 1.02 11.18 -3.30
C ILE D 3 1.78 12.30 -3.99
N ASP D 4 2.13 12.09 -5.24
CA ASP D 4 2.73 13.12 -6.06
C ASP D 4 1.63 14.08 -6.47
N PRO D 5 1.73 15.38 -6.14
CA PRO D 5 0.68 16.34 -6.49
C PRO D 5 0.51 16.55 -7.98
N TYR D 6 1.56 16.27 -8.73
CA TYR D 6 1.73 16.74 -10.09
C TYR D 6 1.67 15.62 -11.11
N LYS D 7 1.66 14.37 -10.65
CA LYS D 7 1.95 13.24 -11.53
C LYS D 7 0.84 13.02 -12.54
N GLU D 8 -0.39 13.31 -12.14
CA GLU D 8 -1.50 13.22 -13.09
C GLU D 8 -1.47 14.34 -14.10
N PHE D 9 -0.83 15.47 -13.79
CA PHE D 9 -0.78 16.60 -14.71
C PHE D 9 0.43 16.54 -15.63
N GLY D 10 1.10 15.40 -15.72
CA GLY D 10 2.27 15.25 -16.56
C GLY D 10 3.55 15.81 -15.98
N ALA D 11 3.51 16.40 -14.79
CA ALA D 11 4.72 16.92 -14.17
C ALA D 11 5.08 16.10 -12.95
N THR D 12 6.11 16.52 -12.23
CA THR D 12 6.48 15.87 -10.98
C THR D 12 7.20 16.87 -10.08
N VAL D 13 7.47 16.48 -8.84
CA VAL D 13 8.08 17.39 -7.89
C VAL D 13 9.56 17.52 -8.20
N GLU D 14 10.11 16.56 -8.94
CA GLU D 14 11.48 16.69 -9.42
C GLU D 14 11.54 17.71 -10.55
N LEU D 15 10.44 17.88 -11.28
CA LEU D 15 10.47 18.76 -12.43
C LEU D 15 10.33 20.21 -11.99
N LEU D 16 9.55 20.46 -10.94
CA LEU D 16 9.51 21.81 -10.40
C LEU D 16 10.68 22.11 -9.48
N SER D 17 11.55 21.13 -9.25
CA SER D 17 12.78 21.41 -8.54
C SER D 17 13.78 22.14 -9.42
N PHE D 18 13.52 22.18 -10.73
CA PHE D 18 14.31 23.02 -11.63
C PHE D 18 14.12 24.49 -11.32
N LEU D 19 12.89 24.87 -10.99
CA LEU D 19 12.60 26.25 -10.65
C LEU D 19 13.17 26.56 -9.29
N PRO D 20 13.77 27.74 -9.10
CA PRO D 20 14.33 28.07 -7.78
C PRO D 20 13.23 28.38 -6.78
N SER D 21 13.63 28.56 -5.52
CA SER D 21 12.69 28.93 -4.48
C SER D 21 12.17 30.35 -4.71
N ASP D 22 13.08 31.29 -4.92
CA ASP D 22 12.70 32.67 -5.15
C ASP D 22 12.45 32.96 -6.62
N PHE D 23 11.67 32.10 -7.27
CA PHE D 23 11.17 32.35 -8.61
C PHE D 23 9.68 32.60 -8.52
N PHE D 24 9.06 31.96 -7.56
CA PHE D 24 7.62 32.00 -7.45
C PHE D 24 7.20 33.33 -6.84
N PRO D 25 6.23 34.02 -7.42
CA PRO D 25 5.68 35.21 -6.78
C PRO D 25 4.91 34.83 -5.52
N SER D 26 4.65 35.79 -4.65
CA SER D 26 4.05 35.47 -3.36
C SER D 26 2.60 35.05 -3.51
N VAL D 27 2.02 34.55 -2.42
CA VAL D 27 0.70 33.94 -2.47
C VAL D 27 -0.35 34.98 -2.84
N ARG D 28 -0.14 36.21 -2.37
CA ARG D 28 -1.06 37.30 -2.65
C ARG D 28 -1.09 37.65 -4.13
N ASP D 29 0.06 37.54 -4.79
CA ASP D 29 0.11 37.79 -6.22
C ASP D 29 -0.58 36.68 -7.01
N LEU D 30 -0.48 35.44 -6.55
CA LEU D 30 -1.15 34.34 -7.26
C LEU D 30 -2.66 34.44 -7.09
N LEU D 31 -3.12 34.74 -5.88
CA LEU D 31 -4.55 34.77 -5.61
C LEU D 31 -5.22 35.91 -6.35
N ASP D 32 -4.53 37.03 -6.51
CA ASP D 32 -5.06 38.12 -7.31
C ASP D 32 -5.09 37.74 -8.79
N THR D 33 -4.09 36.97 -9.23
CA THR D 33 -4.09 36.48 -10.60
C THR D 33 -5.19 35.45 -10.81
N ALA D 34 -5.51 34.68 -9.79
CA ALA D 34 -6.63 33.76 -9.87
C ALA D 34 -7.96 34.50 -9.83
N SER D 35 -8.01 35.58 -9.05
CA SER D 35 -9.25 36.32 -8.91
C SER D 35 -9.53 37.18 -10.12
N ALA D 36 -8.49 37.68 -10.78
CA ALA D 36 -8.72 38.56 -11.92
C ALA D 36 -9.09 37.77 -13.17
N LEU D 37 -8.77 36.48 -13.19
CA LEU D 37 -8.96 35.69 -14.40
C LEU D 37 -10.02 34.62 -14.24
N TYR D 38 -10.14 34.02 -13.06
CA TYR D 38 -10.99 32.84 -12.94
C TYR D 38 -11.97 32.91 -11.79
N ARG D 39 -12.38 34.09 -11.35
CA ARG D 39 -13.27 34.23 -10.20
C ARG D 39 -14.64 33.62 -10.49
N GLU D 40 -15.12 33.80 -11.71
CA GLU D 40 -16.40 33.21 -12.10
C GLU D 40 -16.25 31.72 -12.37
N ALA D 41 -15.03 31.26 -12.67
CA ALA D 41 -14.85 29.87 -13.07
C ALA D 41 -14.61 28.97 -11.87
N LEU D 42 -13.85 29.47 -10.89
CA LEU D 42 -13.60 28.69 -9.69
C LEU D 42 -14.85 28.54 -8.84
N GLU D 43 -15.71 29.55 -8.88
CA GLU D 43 -16.96 29.46 -8.13
C GLU D 43 -18.06 28.85 -8.99
N SER D 44 -17.76 28.53 -10.23
CA SER D 44 -18.67 27.79 -11.09
C SER D 44 -18.71 26.33 -10.68
N PRO D 45 -19.87 25.70 -10.69
CA PRO D 45 -19.94 24.27 -10.36
C PRO D 45 -19.72 23.36 -11.55
N GLU D 46 -19.30 23.91 -12.68
CA GLU D 46 -19.10 23.12 -13.89
C GLU D 46 -17.66 22.64 -13.94
N HIS D 47 -17.49 21.35 -14.23
CA HIS D 47 -16.16 20.81 -14.48
C HIS D 47 -15.71 21.13 -15.89
N CYS D 48 -14.72 22.00 -16.01
CA CYS D 48 -14.04 22.22 -17.28
C CYS D 48 -12.72 21.48 -17.36
N SER D 49 -12.02 21.33 -16.25
CA SER D 49 -10.72 20.67 -16.20
C SER D 49 -10.44 20.29 -14.76
N PRO D 50 -9.57 19.31 -14.51
CA PRO D 50 -9.16 19.07 -13.11
C PRO D 50 -8.20 20.12 -12.58
N HIS D 51 -7.71 21.01 -13.44
CA HIS D 51 -6.90 22.13 -12.98
C HIS D 51 -7.70 23.05 -12.08
N HIS D 52 -8.98 23.23 -12.40
CA HIS D 52 -9.86 24.04 -11.55
C HIS D 52 -10.04 23.39 -10.19
N THR D 53 -10.13 22.06 -10.19
CA THR D 53 -10.41 21.33 -8.95
C THR D 53 -9.23 21.38 -8.01
N ALA D 54 -8.03 21.25 -8.56
CA ALA D 54 -6.83 21.31 -7.73
C ALA D 54 -6.54 22.74 -7.31
N LEU D 55 -7.15 23.71 -7.98
CA LEU D 55 -6.94 25.10 -7.62
C LEU D 55 -7.87 25.53 -6.52
N ARG D 56 -9.11 25.03 -6.54
CA ARG D 56 -10.07 25.33 -5.48
C ARG D 56 -9.60 24.78 -4.14
N GLN D 57 -9.01 23.58 -4.17
CA GLN D 57 -8.56 22.94 -2.94
C GLN D 57 -7.34 23.65 -2.38
N ALA D 58 -6.45 24.09 -3.27
CA ALA D 58 -5.20 24.69 -2.81
C ALA D 58 -5.42 26.09 -2.26
N ILE D 59 -6.42 26.80 -2.80
CA ILE D 59 -6.78 28.11 -2.26
C ILE D 59 -7.32 27.96 -0.84
N LEU D 60 -8.16 26.96 -0.63
CA LEU D 60 -8.72 26.72 0.69
C LEU D 60 -7.68 26.17 1.64
N CYS D 61 -6.70 25.43 1.12
CA CYS D 61 -5.64 24.91 1.97
C CYS D 61 -4.72 26.03 2.41
N TRP D 62 -4.59 27.07 1.60
CA TRP D 62 -3.88 28.25 2.05
C TRP D 62 -4.71 29.03 3.05
N GLY D 63 -6.04 29.00 2.88
CA GLY D 63 -6.90 29.71 3.81
C GLY D 63 -6.87 29.09 5.20
N GLU D 64 -6.60 27.79 5.26
CA GLU D 64 -6.37 27.15 6.54
C GLU D 64 -5.06 27.60 7.16
N LEU D 65 -3.99 27.68 6.36
CA LEU D 65 -2.66 27.90 6.91
C LEU D 65 -2.49 29.33 7.42
N MET D 66 -3.16 30.29 6.79
CA MET D 66 -3.15 31.64 7.36
C MET D 66 -3.97 31.69 8.62
N THR D 67 -5.04 30.88 8.69
CA THR D 67 -5.90 30.89 9.87
C THR D 67 -5.18 30.29 11.07
N LEU D 68 -4.42 29.22 10.83
CA LEU D 68 -3.66 28.62 11.92
C LEU D 68 -2.50 29.51 12.34
N ALA D 69 -1.85 30.17 11.38
CA ALA D 69 -0.76 31.07 11.71
C ALA D 69 -1.28 32.31 12.43
N THR D 70 -2.51 32.71 12.14
CA THR D 70 -3.15 33.78 12.90
C THR D 70 -3.43 33.31 14.33
N TRP D 71 -3.81 32.04 14.46
CA TRP D 71 -4.16 31.48 15.76
C TRP D 71 -2.92 31.35 16.64
N VAL D 72 -1.78 31.02 16.03
CA VAL D 72 -0.54 30.89 16.79
C VAL D 72 -0.04 32.26 17.20
N GLY D 73 -0.06 33.22 16.28
CA GLY D 73 0.43 34.56 16.53
C GLY D 73 -0.41 35.37 17.52
N ASN D 74 -1.59 34.88 17.88
CA ASN D 74 -2.44 35.55 18.85
C ASN D 74 -2.53 34.79 20.16
N ASN D 75 -1.97 33.59 20.23
CA ASN D 75 -2.12 32.77 21.42
C ASN D 75 -0.81 32.22 21.96
N LEU D 76 0.24 32.18 21.17
CA LEU D 76 1.49 31.57 21.61
C LEU D 76 2.66 32.54 21.49
N ARG D 385 6.80 33.85 18.79
CA ARG D 385 5.59 33.65 17.98
C ARG D 385 5.66 34.46 16.70
N ASP D 386 6.68 35.31 16.59
CA ASP D 386 6.91 36.03 15.34
C ASP D 386 7.73 35.18 14.38
N LEU D 387 8.45 34.19 14.93
CA LEU D 387 9.19 33.25 14.09
C LEU D 387 8.24 32.36 13.29
N VAL D 388 7.03 32.15 13.81
CA VAL D 388 6.03 31.32 13.15
C VAL D 388 5.58 31.93 11.84
N VAL D 389 5.48 33.27 11.82
CA VAL D 389 5.14 34.02 10.62
C VAL D 389 6.25 33.83 9.60
N ASN D 390 7.50 33.88 10.06
CA ASN D 390 8.65 33.68 9.19
C ASN D 390 8.75 32.25 8.67
N TYR D 391 8.25 31.29 9.45
CA TYR D 391 8.34 29.89 9.04
C TYR D 391 7.31 29.52 7.98
N VAL D 392 6.04 29.81 8.27
CA VAL D 392 4.92 29.35 7.45
C VAL D 392 4.95 30.03 6.08
N ASN D 393 5.19 31.34 6.08
CA ASN D 393 5.16 32.11 4.84
C ASN D 393 6.38 31.86 3.97
N THR D 394 7.36 31.11 4.47
CA THR D 394 8.54 30.78 3.70
C THR D 394 8.65 29.28 3.41
N ASN D 395 8.63 28.45 4.44
CA ASN D 395 8.99 27.04 4.27
C ASN D 395 7.76 26.20 3.97
N MET D 396 6.62 26.57 4.53
CA MET D 396 5.37 25.90 4.20
C MET D 396 4.67 26.56 3.03
N GLY D 397 4.81 27.88 2.92
CA GLY D 397 4.07 28.60 1.90
C GLY D 397 4.65 28.42 0.52
N LEU D 398 5.86 27.89 0.43
CA LEU D 398 6.49 27.62 -0.85
C LEU D 398 5.75 26.53 -1.60
N LYS D 399 5.30 25.50 -0.88
CA LYS D 399 4.56 24.42 -1.51
C LYS D 399 3.20 24.89 -2.00
N ILE D 400 2.61 25.85 -1.29
CA ILE D 400 1.39 26.45 -1.80
C ILE D 400 1.73 27.34 -2.99
N ARG D 401 2.90 27.99 -2.96
CA ARG D 401 3.30 28.81 -4.10
C ARG D 401 3.65 27.95 -5.30
N GLN D 402 3.96 26.68 -5.10
CA GLN D 402 4.14 25.81 -6.25
C GLN D 402 2.80 25.45 -6.88
N LEU D 403 1.85 24.98 -6.07
CA LEU D 403 0.57 24.52 -6.58
C LEU D 403 -0.27 25.67 -7.14
N LEU D 404 -0.16 26.84 -6.54
CA LEU D 404 -0.88 27.98 -7.10
C LEU D 404 -0.28 28.42 -8.42
N TRP D 405 1.05 28.44 -8.52
CA TRP D 405 1.70 28.86 -9.75
C TRP D 405 1.45 27.88 -10.87
N PHE D 406 1.34 26.60 -10.53
CA PHE D 406 1.25 25.59 -11.58
C PHE D 406 -0.12 25.60 -12.25
N HIS D 407 -1.19 25.67 -11.46
CA HIS D 407 -2.50 25.51 -12.05
C HIS D 407 -3.01 26.80 -12.67
N ILE D 408 -2.55 27.93 -12.15
CA ILE D 408 -2.87 29.20 -12.80
C ILE D 408 -2.16 29.29 -14.13
N SER D 409 -0.93 28.78 -14.20
CA SER D 409 -0.21 28.77 -15.48
C SER D 409 -0.82 27.79 -16.45
N CYS D 410 -1.30 26.65 -15.96
CA CYS D 410 -1.86 25.63 -16.85
C CYS D 410 -3.21 26.06 -17.41
N LEU D 411 -4.02 26.73 -16.60
CA LEU D 411 -5.30 27.20 -17.08
C LEU D 411 -5.16 28.34 -18.07
N THR D 412 -4.08 29.10 -17.96
CA THR D 412 -3.91 30.27 -18.81
C THR D 412 -3.17 29.94 -20.09
N PHE D 413 -2.16 29.09 -20.00
CA PHE D 413 -1.23 28.88 -21.10
C PHE D 413 -1.30 27.49 -21.70
N GLY D 414 -2.06 26.59 -21.08
CA GLY D 414 -2.11 25.21 -21.54
C GLY D 414 -1.17 24.35 -20.72
N ARG D 415 -1.54 23.09 -20.53
CA ARG D 415 -0.68 22.14 -19.81
C ARG D 415 0.60 21.89 -20.58
N GLU D 416 0.48 21.77 -21.90
CA GLU D 416 1.60 21.44 -22.76
C GLU D 416 2.67 22.52 -22.76
N THR D 417 2.24 23.78 -22.71
CA THR D 417 3.19 24.90 -22.73
C THR D 417 3.94 24.97 -21.42
N VAL D 418 3.26 24.65 -20.32
CA VAL D 418 3.88 24.71 -18.99
C VAL D 418 4.96 23.63 -18.86
N LEU D 419 4.67 22.43 -19.36
CA LEU D 419 5.64 21.34 -19.25
C LEU D 419 6.85 21.59 -20.14
N GLU D 420 6.63 22.26 -21.26
CA GLU D 420 7.75 22.63 -22.11
C GLU D 420 8.48 23.84 -21.54
N TYR D 421 7.82 24.58 -20.66
CA TYR D 421 8.48 25.71 -20.02
C TYR D 421 9.46 25.23 -18.95
N LEU D 422 9.12 24.14 -18.27
CA LEU D 422 9.96 23.65 -17.19
C LEU D 422 11.24 23.05 -17.74
N VAL D 423 11.15 22.44 -18.91
CA VAL D 423 12.35 21.97 -19.59
C VAL D 423 13.17 23.15 -20.09
N SER D 424 12.49 24.11 -20.72
CA SER D 424 13.17 25.28 -21.27
C SER D 424 13.74 26.18 -20.19
N PHE D 425 13.14 26.16 -19.00
CA PHE D 425 13.77 26.88 -17.90
C PHE D 425 14.98 26.11 -17.40
N GLY D 426 14.91 24.78 -17.49
CA GLY D 426 15.95 23.91 -16.99
C GLY D 426 17.25 24.09 -17.72
N VAL D 427 17.17 24.36 -19.03
CA VAL D 427 18.34 24.68 -19.84
C VAL D 427 18.93 25.98 -19.34
N TRP D 428 18.06 26.94 -19.05
CA TRP D 428 18.50 28.27 -18.64
C TRP D 428 19.16 28.20 -17.28
N ILE D 429 18.64 27.38 -16.40
CA ILE D 429 19.10 27.41 -15.02
C ILE D 429 20.35 26.55 -14.87
N ARG D 430 20.50 25.53 -15.72
CA ARG D 430 21.72 24.72 -15.70
C ARG D 430 22.89 25.42 -16.36
N THR D 431 22.63 26.45 -17.14
CA THR D 431 23.66 27.12 -17.94
C THR D 431 24.57 27.94 -17.02
N PRO D 432 25.88 27.91 -17.23
CA PRO D 432 26.79 28.76 -16.47
C PRO D 432 26.50 30.22 -16.73
N PRO D 433 26.75 31.09 -15.74
CA PRO D 433 26.31 32.49 -15.85
C PRO D 433 27.00 33.29 -16.94
N ALA D 434 28.23 32.91 -17.28
CA ALA D 434 28.98 33.61 -18.31
C ALA D 434 28.36 33.39 -19.67
N TYR D 435 27.73 32.23 -19.87
CA TYR D 435 27.10 31.90 -21.13
C TYR D 435 25.58 31.90 -21.00
N ARG D 436 25.06 32.32 -19.87
CA ARG D 436 23.63 32.36 -19.70
C ARG D 436 23.08 33.63 -20.31
N PRO D 437 22.03 33.56 -21.13
CA PRO D 437 21.39 34.76 -21.64
C PRO D 437 20.79 35.57 -20.49
N PRO D 438 20.75 36.90 -20.63
CA PRO D 438 20.48 37.75 -19.46
C PRO D 438 19.06 37.65 -18.94
N ASN D 439 18.10 37.51 -19.83
CA ASN D 439 16.72 37.37 -19.40
C ASN D 439 16.33 35.90 -19.25
N ALA D 440 15.64 35.60 -18.17
CA ALA D 440 15.06 34.28 -17.98
C ALA D 440 13.94 34.07 -18.98
N PRO D 441 13.69 32.83 -19.39
CA PRO D 441 12.54 32.58 -20.26
C PRO D 441 11.25 32.74 -19.50
N ILE D 442 10.27 33.36 -20.13
CA ILE D 442 9.04 33.70 -19.46
C ILE D 442 7.89 33.27 -20.35
N LEU D 443 6.80 32.84 -19.71
CA LEU D 443 5.64 32.35 -20.42
C LEU D 443 4.87 33.49 -21.07
N SER D 444 4.31 33.20 -22.24
CA SER D 444 3.39 34.10 -22.94
C SER D 444 2.62 33.33 -24.00
N THR D 445 1.31 33.59 -24.07
CA THR D 445 0.41 33.11 -25.13
C THR D 445 0.39 31.59 -25.32
#